data_6SGI
#
_entry.id   6SGI
#
_cell.length_a   99.390
_cell.length_b   57.040
_cell.length_c   78.400
_cell.angle_alpha   90.000
_cell.angle_beta   133.070
_cell.angle_gamma   90.000
#
_symmetry.space_group_name_H-M   'C 1 2 1'
#
loop_
_entity.id
_entity.type
_entity.pdbx_description
1 polymer 'Serine/threonine-protein kinase Nek2'
2 non-polymer 4-[(6-ethyl-7~{H}-purin-2-yl)amino]benzenesulfonamide
3 non-polymer 'CHLORIDE ION'
4 water water
#
_entity_poly.entity_id   1
_entity_poly.type   'polypeptide(L)'
_entity_poly.pdbx_seq_one_letter_code
;MPSRAEDYEVLYTIGTGSYGRCQKIRRKSDGKILVWKELDYGSMTEAEKQMLVSEVNLLRELKHPNIVRYYDRIIDRTNT
TLYIVMEYCEGGDLASVITKGTKERQYLDEEFVLRVMTQLTLALKECHRRSDGGHTVLHRDLKPANVFLDGKQNVKLGDF
GLARILNHDTSFAKTFVGTPYYMSPEQMNRMSYNEKSDIWSLGCLLYELCALMPPFTAFSQKELAGKIREGKFRRIPYRY
SDELNEIITRMLNLKDYHRPSVEEILENPLILEHHHHHH
;
_entity_poly.pdbx_strand_id   A
#
# COMPACT_ATOMS: atom_id res chain seq x y z
N SER A 3 9.96 16.39 18.94
CA SER A 3 10.83 17.20 18.09
C SER A 3 12.28 16.83 18.27
N ARG A 4 12.56 16.07 19.34
CA ARG A 4 13.92 15.64 19.64
C ARG A 4 13.94 14.13 19.84
N ALA A 5 15.06 13.52 19.45
CA ALA A 5 15.19 12.07 19.56
C ALA A 5 15.04 11.60 21.00
N GLU A 6 15.55 12.39 21.96
CA GLU A 6 15.46 12.01 23.36
C GLU A 6 14.02 11.96 23.86
N ASP A 7 13.08 12.55 23.12
CA ASP A 7 11.67 12.49 23.50
C ASP A 7 11.05 11.11 23.28
N TYR A 8 11.75 10.22 22.58
CA TYR A 8 11.24 8.89 22.30
C TYR A 8 12.25 7.85 22.79
N GLU A 9 11.75 6.63 22.97
CA GLU A 9 12.59 5.48 23.30
C GLU A 9 12.35 4.39 22.26
N VAL A 10 13.41 3.96 21.59
CA VAL A 10 13.32 2.88 20.63
C VAL A 10 12.94 1.60 21.35
N LEU A 11 11.83 0.98 20.94
CA LEU A 11 11.50 -0.34 21.47
C LEU A 11 12.28 -1.41 20.71
N TYR A 12 12.10 -1.48 19.39
CA TYR A 12 12.89 -2.45 18.63
C TYR A 12 12.78 -2.17 17.14
N THR A 13 13.75 -2.70 16.39
CA THR A 13 13.72 -2.58 14.93
C THR A 13 12.62 -3.45 14.36
N ILE A 14 11.69 -2.84 13.63
CA ILE A 14 10.65 -3.61 12.95
C ILE A 14 11.22 -4.28 11.71
N GLY A 15 11.95 -3.52 10.90
CA GLY A 15 12.56 -4.07 9.69
C GLY A 15 13.38 -3.01 9.01
N THR A 16 14.17 -3.45 8.03
CA THR A 16 15.00 -2.55 7.24
C THR A 16 14.56 -2.66 5.78
N GLY A 17 15.35 -2.16 4.84
CA GLY A 17 14.99 -2.20 3.45
C GLY A 17 14.40 -0.89 2.95
N SER A 18 14.34 -0.77 1.62
CA SER A 18 13.87 0.43 0.94
C SER A 18 14.63 1.68 1.40
N TYR A 19 13.91 2.62 2.01
CA TYR A 19 14.49 3.90 2.39
C TYR A 19 15.60 3.73 3.42
N GLY A 20 15.24 3.20 4.59
CA GLY A 20 16.20 3.09 5.68
C GLY A 20 15.79 2.06 6.71
N ARG A 21 15.87 2.41 8.00
CA ARG A 21 15.54 1.47 9.06
C ARG A 21 14.22 1.87 9.72
N CYS A 22 13.33 0.91 9.92
CA CYS A 22 12.02 1.14 10.52
C CYS A 22 12.02 0.61 11.95
N GLN A 23 11.71 1.47 12.92
CA GLN A 23 11.80 1.11 14.33
C GLN A 23 10.51 1.46 15.05
N LYS A 24 10.06 0.53 15.90
CA LYS A 24 8.94 0.75 16.80
C LYS A 24 9.45 1.44 18.06
N ILE A 25 8.80 2.57 18.40
CA ILE A 25 9.24 3.52 19.41
C ILE A 25 8.06 3.91 20.30
N ARG A 26 8.37 4.50 21.44
CA ARG A 26 7.38 4.95 22.41
C ARG A 26 7.66 6.40 22.81
N ARG A 27 6.63 7.24 22.74
CA ARG A 27 6.78 8.64 23.11
C ARG A 27 6.75 8.79 24.62
N LYS A 28 7.78 9.46 25.18
CA LYS A 28 7.95 9.48 26.62
C LYS A 28 6.84 10.24 27.33
N SER A 29 6.32 11.29 26.70
CA SER A 29 5.39 12.18 27.39
C SER A 29 4.10 11.46 27.78
N ASP A 30 3.55 10.64 26.87
CA ASP A 30 2.29 9.96 27.12
C ASP A 30 2.37 8.45 26.93
N GLY A 31 3.49 7.92 26.45
CA GLY A 31 3.61 6.50 26.23
C GLY A 31 3.05 6.01 24.92
N LYS A 32 2.74 6.91 23.98
CA LYS A 32 2.11 6.49 22.73
C LYS A 32 3.06 5.69 21.87
N ILE A 33 2.54 4.63 21.26
CA ILE A 33 3.33 3.73 20.43
C ILE A 33 3.31 4.24 19.00
N LEU A 34 4.50 4.47 18.45
CA LEU A 34 4.65 4.95 17.09
C LEU A 34 5.76 4.14 16.41
N VAL A 35 6.05 4.48 15.17
CA VAL A 35 7.28 4.03 14.52
C VAL A 35 7.99 5.26 13.98
N TRP A 36 9.25 5.07 13.63
CA TRP A 36 9.93 6.06 12.82
C TRP A 36 10.79 5.35 11.79
N LYS A 37 10.88 5.97 10.62
CA LYS A 37 11.81 5.58 9.58
C LYS A 37 13.03 6.49 9.69
N GLU A 38 14.19 5.90 9.97
CA GLU A 38 15.44 6.63 10.01
C GLU A 38 16.11 6.51 8.66
N LEU A 39 16.36 7.66 8.05
CA LEU A 39 17.07 7.81 6.78
C LEU A 39 18.38 8.52 7.03
N ASP A 40 19.30 8.38 6.08
CA ASP A 40 20.60 9.03 6.15
C ASP A 40 20.70 10.04 5.02
N TYR A 41 20.60 11.32 5.37
CA TYR A 41 20.62 12.39 4.38
C TYR A 41 22.02 12.91 4.07
N GLY A 42 23.03 12.46 4.82
CA GLY A 42 24.34 13.11 4.73
C GLY A 42 24.93 13.10 3.34
N SER A 43 24.73 12.02 2.60
CA SER A 43 25.25 11.88 1.25
C SER A 43 24.26 12.33 0.18
N MET A 44 23.13 12.91 0.57
CA MET A 44 22.24 13.55 -0.39
C MET A 44 22.63 15.01 -0.57
N THR A 45 22.45 15.50 -1.79
CA THR A 45 22.74 16.88 -2.10
C THR A 45 21.84 17.80 -1.29
N GLU A 46 22.12 19.11 -1.39
CA GLU A 46 21.19 20.10 -0.86
C GLU A 46 19.88 20.07 -1.63
N ALA A 47 19.97 19.91 -2.95
CA ALA A 47 18.76 19.83 -3.76
C ALA A 47 17.95 18.57 -3.45
N GLU A 48 18.64 17.47 -3.14
CA GLU A 48 17.94 16.24 -2.78
C GLU A 48 17.19 16.38 -1.47
N LYS A 49 17.85 16.98 -0.47
CA LYS A 49 17.18 17.22 0.80
C LYS A 49 16.03 18.21 0.65
N GLN A 50 16.17 19.18 -0.26
CA GLN A 50 15.08 20.11 -0.55
C GLN A 50 13.88 19.38 -1.15
N MET A 51 14.14 18.57 -2.17
CA MET A 51 13.14 17.68 -2.75
C MET A 51 12.39 16.93 -1.65
N LEU A 52 13.13 16.20 -0.81
CA LEU A 52 12.49 15.38 0.21
C LEU A 52 11.78 16.22 1.26
N VAL A 53 12.24 17.45 1.51
CA VAL A 53 11.57 18.32 2.47
C VAL A 53 10.18 18.67 1.97
N SER A 54 10.08 19.08 0.69
CA SER A 54 8.76 19.33 0.13
C SER A 54 7.92 18.06 0.07
N GLU A 55 8.57 16.92 -0.18
CA GLU A 55 7.87 15.63 -0.16
C GLU A 55 7.17 15.41 1.18
N VAL A 56 7.95 15.45 2.27
CA VAL A 56 7.38 15.16 3.58
C VAL A 56 6.48 16.29 4.07
N ASN A 57 6.61 17.50 3.52
CA ASN A 57 5.60 18.52 3.80
C ASN A 57 4.25 18.12 3.22
N LEU A 58 4.23 17.75 1.94
CA LEU A 58 3.00 17.24 1.34
C LEU A 58 2.47 16.02 2.10
N LEU A 59 3.37 15.17 2.58
CA LEU A 59 2.95 14.01 3.36
C LEU A 59 2.33 14.43 4.69
N ARG A 60 2.89 15.46 5.33
CA ARG A 60 2.28 16.03 6.53
C ARG A 60 0.94 16.68 6.25
N GLU A 61 0.67 17.04 5.00
CA GLU A 61 -0.62 17.57 4.60
C GLU A 61 -1.64 16.48 4.27
N LEU A 62 -1.50 15.27 4.83
CA LEU A 62 -2.41 14.17 4.57
C LEU A 62 -2.96 13.63 5.88
N LYS A 63 -4.27 13.76 6.08
CA LYS A 63 -4.96 13.20 7.23
C LYS A 63 -6.17 12.43 6.72
N HIS A 64 -6.11 11.11 6.81
CA HIS A 64 -7.16 10.22 6.34
C HIS A 64 -7.10 8.95 7.17
N PRO A 65 -8.24 8.42 7.62
CA PRO A 65 -8.22 7.21 8.46
C PRO A 65 -7.59 6.00 7.77
N ASN A 66 -7.54 5.98 6.44
CA ASN A 66 -7.01 4.84 5.69
C ASN A 66 -5.65 5.14 5.07
N ILE A 67 -4.94 6.13 5.60
CA ILE A 67 -3.58 6.45 5.18
C ILE A 67 -2.72 6.56 6.43
N VAL A 68 -1.55 5.90 6.41
CA VAL A 68 -0.64 5.90 7.55
C VAL A 68 -0.37 7.34 7.96
N ARG A 69 -0.68 7.68 9.21
N ARG A 69 -0.67 7.67 9.21
CA ARG A 69 -0.65 9.06 9.67
CA ARG A 69 -0.64 9.04 9.68
C ARG A 69 0.77 9.51 9.98
C ARG A 69 0.79 9.48 9.96
N TYR A 70 1.14 10.68 9.48
CA TYR A 70 2.42 11.28 9.81
C TYR A 70 2.29 12.07 11.11
N TYR A 71 3.35 12.08 11.90
CA TYR A 71 3.29 12.73 13.20
C TYR A 71 4.37 13.78 13.40
N ASP A 72 5.62 13.47 13.07
CA ASP A 72 6.72 14.37 13.41
C ASP A 72 7.93 14.03 12.55
N ARG A 73 8.90 14.95 12.55
CA ARG A 73 10.19 14.77 11.89
C ARG A 73 11.29 15.26 12.82
N ILE A 74 12.35 14.48 12.95
CA ILE A 74 13.46 14.78 13.85
C ILE A 74 14.76 14.67 13.06
N ILE A 75 15.69 15.60 13.33
CA ILE A 75 16.98 15.64 12.65
C ILE A 75 18.07 15.43 13.69
N ASP A 76 19.08 14.64 13.31
CA ASP A 76 20.24 14.34 14.16
C ASP A 76 21.50 14.53 13.31
N ARG A 77 22.09 15.73 13.39
CA ARG A 77 23.31 15.99 12.64
C ARG A 77 24.49 15.20 13.19
N THR A 78 24.43 14.75 14.44
CA THR A 78 25.50 13.92 14.98
C THR A 78 25.59 12.60 14.22
N ASN A 79 24.47 11.94 13.99
CA ASN A 79 24.41 10.69 13.25
C ASN A 79 23.89 10.87 11.84
N THR A 80 23.93 12.11 11.32
CA THR A 80 23.38 12.51 10.02
C THR A 80 22.10 11.76 9.67
N THR A 81 21.19 11.66 10.65
CA THR A 81 19.99 10.84 10.53
C THR A 81 18.74 11.72 10.59
N LEU A 82 17.80 11.45 9.69
CA LEU A 82 16.49 12.07 9.69
C LEU A 82 15.46 11.02 10.10
N TYR A 83 14.74 11.27 11.18
CA TYR A 83 13.69 10.39 11.66
C TYR A 83 12.33 10.93 11.26
N ILE A 84 11.54 10.10 10.58
CA ILE A 84 10.17 10.44 10.23
C ILE A 84 9.25 9.60 11.10
N VAL A 85 8.49 10.27 11.97
CA VAL A 85 7.64 9.61 12.95
C VAL A 85 6.25 9.40 12.35
N MET A 86 5.75 8.17 12.45
CA MET A 86 4.48 7.82 11.85
C MET A 86 3.71 6.88 12.78
N GLU A 87 2.42 6.75 12.48
CA GLU A 87 1.55 5.84 13.20
C GLU A 87 2.02 4.41 13.05
N TYR A 88 1.89 3.64 14.12
CA TYR A 88 2.22 2.22 14.13
C TYR A 88 0.95 1.41 13.89
N CYS A 89 1.04 0.46 12.97
CA CYS A 89 -0.07 -0.40 12.60
C CYS A 89 0.26 -1.81 13.06
N GLU A 90 -0.35 -2.22 14.16
CA GLU A 90 0.03 -3.46 14.85
C GLU A 90 -0.36 -4.72 14.09
N GLY A 91 -1.25 -4.62 13.10
CA GLY A 91 -1.61 -5.80 12.34
C GLY A 91 -0.59 -6.23 11.31
N GLY A 92 0.40 -5.40 11.03
CA GLY A 92 1.42 -5.73 10.07
C GLY A 92 0.99 -5.38 8.65
N ASP A 93 1.79 -5.86 7.71
CA ASP A 93 1.54 -5.59 6.30
C ASP A 93 0.72 -6.72 5.67
N LEU A 94 0.22 -6.45 4.46
CA LEU A 94 -0.61 -7.44 3.77
C LEU A 94 0.22 -8.54 3.13
N ALA A 95 1.47 -8.25 2.75
CA ALA A 95 2.31 -9.29 2.17
C ALA A 95 2.53 -10.42 3.17
N SER A 96 2.62 -10.08 4.45
CA SER A 96 2.76 -11.11 5.49
C SER A 96 1.48 -11.92 5.63
N VAL A 97 0.32 -11.30 5.48
CA VAL A 97 -0.95 -12.03 5.54
C VAL A 97 -1.05 -13.01 4.37
N ILE A 98 -0.62 -12.57 3.18
CA ILE A 98 -0.63 -13.44 2.02
C ILE A 98 0.37 -14.58 2.21
N THR A 99 1.54 -14.28 2.78
CA THR A 99 2.50 -15.32 3.11
C THR A 99 1.91 -16.35 4.06
N LYS A 100 1.26 -15.88 5.12
CA LYS A 100 0.65 -16.77 6.10
C LYS A 100 -0.42 -17.65 5.47
N GLY A 101 -1.28 -17.05 4.63
CA GLY A 101 -2.30 -17.83 3.96
C GLY A 101 -1.71 -18.88 3.03
N THR A 102 -0.66 -18.52 2.29
CA THR A 102 -0.02 -19.47 1.39
C THR A 102 0.59 -20.64 2.17
N LYS A 103 1.32 -20.33 3.25
CA LYS A 103 1.97 -21.38 4.01
C LYS A 103 0.97 -22.28 4.73
N GLU A 104 -0.11 -21.69 5.24
CA GLU A 104 -1.13 -22.45 5.96
C GLU A 104 -2.20 -23.03 5.06
N ARG A 105 -2.12 -22.80 3.74
CA ARG A 105 -3.12 -23.27 2.79
C ARG A 105 -4.53 -22.85 3.22
N GLN A 106 -4.64 -21.57 3.58
CA GLN A 106 -5.89 -20.99 4.08
C GLN A 106 -6.19 -19.76 3.25
N TYR A 107 -7.29 -19.81 2.49
CA TYR A 107 -7.73 -18.65 1.73
C TYR A 107 -8.33 -17.60 2.65
N LEU A 108 -8.17 -16.34 2.27
CA LEU A 108 -8.67 -15.23 3.08
C LEU A 108 -10.16 -15.04 2.88
N ASP A 109 -10.83 -14.58 3.93
CA ASP A 109 -12.27 -14.38 3.89
C ASP A 109 -12.62 -13.30 2.87
N GLU A 110 -13.76 -13.48 2.20
CA GLU A 110 -14.22 -12.48 1.25
C GLU A 110 -14.52 -11.16 1.95
N GLU A 111 -15.00 -11.21 3.19
CA GLU A 111 -15.25 -9.99 3.95
C GLU A 111 -13.98 -9.17 4.10
N PHE A 112 -12.85 -9.84 4.34
CA PHE A 112 -11.58 -9.14 4.46
C PHE A 112 -11.17 -8.49 3.16
N VAL A 113 -11.37 -9.18 2.04
CA VAL A 113 -11.06 -8.61 0.73
C VAL A 113 -11.94 -7.40 0.45
N LEU A 114 -13.21 -7.46 0.87
CA LEU A 114 -14.09 -6.31 0.70
C LEU A 114 -13.64 -5.14 1.56
N ARG A 115 -13.20 -5.42 2.79
CA ARG A 115 -12.66 -4.35 3.63
C ARG A 115 -11.47 -3.67 2.97
N VAL A 116 -10.52 -4.48 2.48
CA VAL A 116 -9.34 -3.92 1.83
C VAL A 116 -9.74 -3.12 0.61
N MET A 117 -10.61 -3.68 -0.24
CA MET A 117 -11.06 -2.96 -1.43
C MET A 117 -11.67 -1.61 -1.06
N THR A 118 -12.63 -1.61 -0.14
CA THR A 118 -13.32 -0.37 0.26
C THR A 118 -12.33 0.67 0.77
N GLN A 119 -11.53 0.30 1.77
CA GLN A 119 -10.71 1.30 2.43
C GLN A 119 -9.54 1.75 1.56
N LEU A 120 -8.97 0.86 0.75
CA LEU A 120 -7.94 1.28 -0.19
C LEU A 120 -8.51 2.18 -1.28
N THR A 121 -9.74 1.90 -1.73
CA THR A 121 -10.38 2.79 -2.71
C THR A 121 -10.57 4.18 -2.12
N LEU A 122 -10.94 4.26 -0.84
CA LEU A 122 -11.09 5.57 -0.21
C LEU A 122 -9.75 6.29 -0.08
N ALA A 123 -8.69 5.56 0.30
CA ALA A 123 -7.36 6.16 0.35
C ALA A 123 -6.93 6.69 -1.01
N LEU A 124 -7.19 5.92 -2.07
CA LEU A 124 -6.82 6.34 -3.41
C LEU A 124 -7.63 7.56 -3.85
N LYS A 125 -8.91 7.61 -3.46
CA LYS A 125 -9.73 8.79 -3.71
C LYS A 125 -9.11 10.03 -3.08
N GLU A 126 -8.72 9.92 -1.81
CA GLU A 126 -8.08 11.05 -1.14
C GLU A 126 -6.82 11.48 -1.87
N CYS A 127 -5.97 10.51 -2.24
CA CYS A 127 -4.72 10.86 -2.92
C CYS A 127 -4.98 11.49 -4.29
N HIS A 128 -6.03 11.05 -4.99
CA HIS A 128 -6.39 11.69 -6.25
C HIS A 128 -6.91 13.10 -6.04
N ARG A 129 -7.52 13.37 -4.88
CA ARG A 129 -8.00 14.72 -4.60
C ARG A 129 -6.87 15.70 -4.37
N ARG A 130 -5.71 15.22 -3.91
CA ARG A 130 -4.58 16.08 -3.58
C ARG A 130 -3.53 16.14 -4.69
N SER A 131 -3.95 16.06 -5.95
CA SER A 131 -3.02 16.18 -7.06
C SER A 131 -3.08 17.58 -7.67
N HIS A 139 3.45 6.32 -11.68
CA HIS A 139 4.31 5.25 -11.21
C HIS A 139 4.28 5.19 -9.68
N ARG A 140 3.72 4.10 -9.15
CA ARG A 140 3.50 3.97 -7.72
C ARG A 140 4.20 2.72 -7.18
N ASP A 141 3.96 2.45 -5.91
CA ASP A 141 4.44 1.25 -5.23
C ASP A 141 3.29 0.58 -4.48
N LEU A 142 2.10 0.60 -5.06
CA LEU A 142 0.95 -0.05 -4.44
C LEU A 142 1.10 -1.56 -4.53
N LYS A 143 1.40 -2.19 -3.40
CA LYS A 143 1.67 -3.61 -3.33
C LYS A 143 1.43 -4.08 -1.90
N PRO A 144 1.27 -5.39 -1.67
CA PRO A 144 0.93 -5.86 -0.32
C PRO A 144 1.87 -5.38 0.78
N ALA A 145 3.16 -5.25 0.47
CA ALA A 145 4.13 -4.89 1.50
C ALA A 145 4.00 -3.45 1.97
N ASN A 146 3.21 -2.62 1.29
CA ASN A 146 3.02 -1.22 1.68
C ASN A 146 1.59 -0.95 2.15
N VAL A 147 0.83 -2.00 2.45
CA VAL A 147 -0.54 -1.87 2.96
C VAL A 147 -0.59 -2.52 4.33
N PHE A 148 -1.13 -1.80 5.31
CA PHE A 148 -1.03 -2.21 6.70
C PHE A 148 -2.41 -2.32 7.34
N LEU A 149 -2.45 -2.99 8.48
CA LEU A 149 -3.67 -3.19 9.25
C LEU A 149 -3.44 -2.71 10.67
N ASP A 150 -4.42 -2.00 11.22
CA ASP A 150 -4.34 -1.59 12.62
C ASP A 150 -4.91 -2.72 13.49
N GLY A 151 -5.27 -2.41 14.73
CA GLY A 151 -5.82 -3.42 15.61
C GLY A 151 -7.32 -3.65 15.48
N LYS A 152 -8.02 -2.82 14.71
CA LYS A 152 -9.48 -2.88 14.61
C LYS A 152 -9.95 -3.14 13.18
N GLN A 153 -9.20 -3.96 12.44
CA GLN A 153 -9.48 -4.34 11.05
C GLN A 153 -9.44 -3.18 10.07
N ASN A 154 -8.83 -2.05 10.43
CA ASN A 154 -8.75 -0.93 9.51
C ASN A 154 -7.51 -1.07 8.61
N VAL A 155 -7.68 -0.67 7.36
CA VAL A 155 -6.65 -0.79 6.33
C VAL A 155 -6.05 0.58 6.07
N LYS A 156 -4.72 0.66 6.09
CA LYS A 156 -4.02 1.93 5.93
C LYS A 156 -3.01 1.81 4.81
N LEU A 157 -3.05 2.77 3.88
CA LEU A 157 -2.12 2.79 2.77
C LEU A 157 -0.77 3.35 3.23
N GLY A 158 0.30 2.61 2.96
CA GLY A 158 1.64 2.99 3.37
C GLY A 158 2.43 3.64 2.22
N ASP A 159 3.53 4.30 2.60
CA ASP A 159 4.37 5.01 1.65
C ASP A 159 5.59 4.20 1.18
N PHE A 176 16.93 -2.44 -8.88
CA PHE A 176 15.72 -3.22 -8.66
C PHE A 176 15.87 -4.61 -9.27
N VAL A 177 15.58 -5.63 -8.48
CA VAL A 177 15.66 -7.01 -8.94
C VAL A 177 14.29 -7.65 -9.13
N GLY A 178 13.26 -7.18 -8.43
CA GLY A 178 11.98 -7.85 -8.46
C GLY A 178 11.17 -7.55 -9.71
N THR A 179 10.38 -8.53 -10.11
CA THR A 179 9.50 -8.36 -11.26
C THR A 179 8.36 -7.41 -10.90
N PRO A 180 8.01 -6.48 -11.78
CA PRO A 180 6.85 -5.58 -11.52
C PRO A 180 5.54 -6.28 -11.85
N TYR A 181 5.08 -7.10 -10.90
CA TYR A 181 3.88 -7.90 -11.13
C TYR A 181 2.63 -7.05 -11.34
N TYR A 182 2.63 -5.80 -10.86
CA TYR A 182 1.43 -4.97 -10.86
C TYR A 182 1.47 -3.87 -11.90
N MET A 183 2.43 -3.88 -12.82
CA MET A 183 2.59 -2.76 -13.74
C MET A 183 1.57 -2.82 -14.86
N SER A 184 0.81 -1.74 -15.01
CA SER A 184 -0.26 -1.69 -15.98
C SER A 184 0.29 -1.79 -17.39
N PRO A 185 -0.57 -2.11 -18.37
CA PRO A 185 -0.15 -2.02 -19.77
C PRO A 185 0.08 -0.59 -20.22
N GLU A 186 -0.60 0.39 -19.62
CA GLU A 186 -0.33 1.79 -19.95
C GLU A 186 1.09 2.16 -19.57
N GLN A 187 1.46 1.93 -18.31
CA GLN A 187 2.82 2.18 -17.84
C GLN A 187 3.85 1.23 -18.45
N MET A 188 3.42 0.29 -19.29
CA MET A 188 4.32 -0.63 -19.98
C MET A 188 4.48 -0.31 -21.46
N ASN A 189 3.43 0.20 -22.11
CA ASN A 189 3.56 0.75 -23.45
C ASN A 189 3.99 2.20 -23.33
N ARG A 190 3.04 3.08 -23.05
CA ARG A 190 3.32 4.48 -22.69
C ARG A 190 2.01 5.18 -22.33
N TYR A 193 0.62 7.23 -17.41
CA TYR A 193 0.17 6.80 -16.09
C TYR A 193 -0.93 7.73 -15.57
N ASN A 194 -2.00 7.13 -15.05
CA ASN A 194 -3.18 7.89 -14.64
C ASN A 194 -3.85 7.17 -13.49
N GLU A 195 -5.02 7.70 -13.08
CA GLU A 195 -5.73 7.14 -11.94
C GLU A 195 -6.20 5.71 -12.21
N LYS A 196 -6.59 5.42 -13.45
CA LYS A 196 -6.98 4.05 -13.77
C LYS A 196 -5.82 3.07 -13.69
N SER A 197 -4.58 3.56 -13.79
CA SER A 197 -3.44 2.70 -13.50
C SER A 197 -3.39 2.32 -12.03
N ASP A 198 -3.70 3.28 -11.15
CA ASP A 198 -3.91 2.97 -9.74
C ASP A 198 -5.00 1.92 -9.58
N ILE A 199 -6.06 2.02 -10.38
CA ILE A 199 -7.14 1.03 -10.30
C ILE A 199 -6.65 -0.35 -10.71
N TRP A 200 -5.81 -0.42 -11.76
CA TRP A 200 -5.25 -1.70 -12.18
C TRP A 200 -4.39 -2.32 -11.09
N SER A 201 -3.56 -1.49 -10.44
CA SER A 201 -2.71 -2.00 -9.37
C SER A 201 -3.55 -2.52 -8.20
N LEU A 202 -4.60 -1.77 -7.84
CA LEU A 202 -5.53 -2.26 -6.82
C LEU A 202 -6.16 -3.58 -7.23
N GLY A 203 -6.49 -3.73 -8.52
CA GLY A 203 -7.07 -4.98 -8.98
C GLY A 203 -6.13 -6.15 -8.82
N CYS A 204 -4.85 -5.95 -9.17
CA CYS A 204 -3.85 -7.00 -8.98
C CYS A 204 -3.65 -7.33 -7.51
N LEU A 205 -3.68 -6.31 -6.64
CA LEU A 205 -3.51 -6.56 -5.22
C LEU A 205 -4.68 -7.39 -4.67
N LEU A 206 -5.90 -7.02 -5.03
CA LEU A 206 -7.07 -7.77 -4.56
C LEU A 206 -7.08 -9.19 -5.14
N TYR A 207 -6.67 -9.32 -6.40
CA TYR A 207 -6.51 -10.65 -7.00
C TYR A 207 -5.55 -11.51 -6.19
N GLU A 208 -4.39 -10.95 -5.84
CA GLU A 208 -3.44 -11.71 -5.06
C GLU A 208 -3.97 -12.02 -3.66
N LEU A 209 -4.80 -11.15 -3.11
CA LEU A 209 -5.44 -11.46 -1.83
C LEU A 209 -6.36 -12.66 -1.96
N CYS A 210 -7.13 -12.75 -3.05
CA CYS A 210 -8.07 -13.86 -3.20
C CYS A 210 -7.38 -15.16 -3.58
N ALA A 211 -6.49 -15.12 -4.58
CA ALA A 211 -5.87 -16.31 -5.14
C ALA A 211 -4.55 -16.67 -4.48
N LEU A 212 -4.06 -15.84 -3.56
CA LEU A 212 -2.76 -16.02 -2.90
C LEU A 212 -1.61 -16.04 -3.91
N MET A 213 -1.81 -15.44 -5.08
CA MET A 213 -0.77 -15.33 -6.09
C MET A 213 -1.18 -14.24 -7.07
N PRO A 214 -0.22 -13.59 -7.72
CA PRO A 214 -0.56 -12.47 -8.63
C PRO A 214 -1.32 -12.97 -9.85
N PRO A 215 -2.03 -12.08 -10.55
CA PRO A 215 -2.78 -12.52 -11.74
C PRO A 215 -1.88 -12.92 -12.91
N PHE A 216 -0.66 -12.40 -12.98
CA PHE A 216 0.25 -12.69 -14.07
C PHE A 216 1.58 -13.17 -13.50
N THR A 217 1.95 -14.40 -13.81
CA THR A 217 3.20 -15.00 -13.35
C THR A 217 4.16 -15.20 -14.51
N ALA A 218 5.44 -15.02 -14.23
CA ALA A 218 6.47 -15.22 -15.24
C ALA A 218 7.83 -15.21 -14.55
N PHE A 219 8.78 -15.92 -15.15
CA PHE A 219 10.16 -15.88 -14.72
C PHE A 219 10.94 -14.76 -15.40
N SER A 220 10.58 -14.41 -16.62
CA SER A 220 11.17 -13.28 -17.32
C SER A 220 10.29 -12.05 -17.16
N GLN A 221 10.90 -10.89 -17.39
CA GLN A 221 10.12 -9.67 -17.49
C GLN A 221 9.48 -9.53 -18.87
N LYS A 222 10.11 -10.09 -19.90
CA LYS A 222 9.50 -10.10 -21.23
C LYS A 222 8.27 -10.99 -21.26
N GLU A 223 8.36 -12.19 -20.69
CA GLU A 223 7.20 -13.07 -20.61
C GLU A 223 6.08 -12.43 -19.79
N LEU A 224 6.44 -11.75 -18.70
CA LEU A 224 5.43 -11.06 -17.90
C LEU A 224 4.77 -9.95 -18.70
N ALA A 225 5.55 -9.22 -19.49
CA ALA A 225 4.98 -8.16 -20.33
C ALA A 225 4.02 -8.77 -21.35
N GLY A 226 4.40 -9.88 -21.97
CA GLY A 226 3.49 -10.54 -22.91
C GLY A 226 2.18 -10.95 -22.25
N LYS A 227 2.28 -11.62 -21.11
CA LYS A 227 1.08 -12.06 -20.39
C LYS A 227 0.21 -10.87 -20.00
N ILE A 228 0.84 -9.80 -19.48
CA ILE A 228 0.08 -8.61 -19.09
C ILE A 228 -0.63 -8.02 -20.30
N ARG A 229 0.05 -7.94 -21.44
CA ARG A 229 -0.55 -7.34 -22.62
CA ARG A 229 -0.55 -7.34 -22.62
C ARG A 229 -1.73 -8.17 -23.12
N GLU A 230 -1.63 -9.49 -23.04
CA GLU A 230 -2.75 -10.32 -23.47
C GLU A 230 -3.93 -10.19 -22.50
N GLY A 231 -3.66 -9.88 -21.25
CA GLY A 231 -4.72 -9.61 -20.28
C GLY A 231 -5.50 -10.82 -19.84
N LYS A 232 -4.93 -12.01 -19.91
CA LYS A 232 -5.61 -13.24 -19.51
C LYS A 232 -5.12 -13.69 -18.14
N PHE A 233 -6.05 -14.19 -17.33
CA PHE A 233 -5.72 -14.69 -16.01
C PHE A 233 -6.80 -15.66 -15.59
N ARG A 234 -6.49 -16.49 -14.60
CA ARG A 234 -7.48 -17.39 -14.04
C ARG A 234 -8.49 -16.61 -13.21
N ARG A 235 -9.70 -17.16 -13.12
CA ARG A 235 -10.66 -16.62 -12.17
C ARG A 235 -10.12 -16.81 -10.76
N ILE A 236 -10.50 -15.90 -9.86
CA ILE A 236 -10.15 -16.07 -8.45
C ILE A 236 -10.86 -17.33 -7.97
N PRO A 237 -10.38 -17.96 -6.89
CA PRO A 237 -10.97 -19.23 -6.45
C PRO A 237 -12.48 -19.14 -6.30
N TYR A 238 -13.15 -20.27 -6.57
CA TYR A 238 -14.60 -20.30 -6.65
C TYR A 238 -15.29 -20.06 -5.32
N ARG A 239 -14.55 -20.09 -4.20
CA ARG A 239 -15.15 -19.72 -2.93
C ARG A 239 -15.50 -18.24 -2.86
N TYR A 240 -15.06 -17.44 -3.82
CA TYR A 240 -15.34 -16.02 -3.84
C TYR A 240 -16.49 -15.71 -4.80
N SER A 241 -17.30 -14.74 -4.42
CA SER A 241 -18.54 -14.45 -5.14
C SER A 241 -18.24 -14.09 -6.60
N ASP A 242 -19.27 -14.29 -7.44
CA ASP A 242 -19.19 -13.83 -8.81
C ASP A 242 -19.15 -12.30 -8.88
N GLU A 243 -19.73 -11.62 -7.89
CA GLU A 243 -19.69 -10.15 -7.88
C GLU A 243 -18.29 -9.64 -7.61
N LEU A 244 -17.60 -10.26 -6.64
CA LEU A 244 -16.22 -9.86 -6.32
C LEU A 244 -15.29 -10.13 -7.49
N ASN A 245 -15.40 -11.32 -8.08
CA ASN A 245 -14.63 -11.62 -9.28
C ASN A 245 -14.94 -10.62 -10.39
N GLU A 246 -16.21 -10.23 -10.50
CA GLU A 246 -16.59 -9.28 -11.54
C GLU A 246 -15.89 -7.94 -11.35
N ILE A 247 -15.89 -7.43 -10.12
CA ILE A 247 -15.29 -6.10 -9.91
C ILE A 247 -13.76 -6.17 -10.03
N ILE A 248 -13.15 -7.25 -9.55
CA ILE A 248 -11.69 -7.36 -9.69
C ILE A 248 -11.31 -7.51 -11.17
N THR A 249 -12.08 -8.29 -11.92
CA THR A 249 -11.84 -8.44 -13.35
C THR A 249 -12.00 -7.11 -14.07
N ARG A 250 -13.01 -6.32 -13.67
CA ARG A 250 -13.17 -4.99 -14.26
C ARG A 250 -11.96 -4.12 -13.97
N MET A 251 -11.42 -4.20 -12.75
CA MET A 251 -10.21 -3.44 -12.45
C MET A 251 -9.03 -3.88 -13.32
N LEU A 252 -9.04 -5.12 -13.79
CA LEU A 252 -7.95 -5.68 -14.57
C LEU A 252 -8.20 -5.61 -16.06
N ASN A 253 -9.11 -4.74 -16.50
CA ASN A 253 -9.38 -4.57 -17.91
C ASN A 253 -8.18 -3.93 -18.61
N LEU A 254 -7.88 -4.40 -19.82
CA LEU A 254 -6.72 -3.90 -20.54
C LEU A 254 -6.87 -2.41 -20.84
N LYS A 255 -8.07 -1.98 -21.18
CA LYS A 255 -8.33 -0.56 -21.46
C LYS A 255 -8.66 0.15 -20.16
N ASP A 256 -7.93 1.22 -19.88
CA ASP A 256 -8.14 1.96 -18.63
C ASP A 256 -9.54 2.54 -18.55
N TYR A 257 -10.10 2.97 -19.69
CA TYR A 257 -11.42 3.58 -19.66
C TYR A 257 -12.53 2.59 -19.34
N HIS A 258 -12.24 1.29 -19.37
CA HIS A 258 -13.20 0.29 -18.95
C HIS A 258 -13.11 -0.04 -17.47
N ARG A 259 -12.01 0.31 -16.82
CA ARG A 259 -11.87 0.06 -15.40
C ARG A 259 -12.76 1.01 -14.60
N PRO A 260 -13.27 0.58 -13.45
CA PRO A 260 -14.17 1.43 -12.68
C PRO A 260 -13.40 2.56 -12.00
N SER A 261 -14.03 3.73 -11.94
CA SER A 261 -13.45 4.80 -11.15
C SER A 261 -13.61 4.47 -9.67
N VAL A 262 -12.99 5.29 -8.82
CA VAL A 262 -13.19 5.16 -7.38
C VAL A 262 -14.68 5.23 -7.06
N GLU A 263 -15.38 6.20 -7.68
CA GLU A 263 -16.80 6.38 -7.41
C GLU A 263 -17.60 5.16 -7.85
N GLU A 264 -17.29 4.60 -9.02
CA GLU A 264 -18.03 3.42 -9.48
C GLU A 264 -17.70 2.19 -8.65
N ILE A 265 -16.46 2.09 -8.15
CA ILE A 265 -16.14 1.01 -7.21
C ILE A 265 -17.00 1.12 -5.96
N LEU A 266 -17.04 2.32 -5.36
CA LEU A 266 -17.77 2.49 -4.11
C LEU A 266 -19.28 2.34 -4.28
N GLU A 267 -19.80 2.45 -5.50
CA GLU A 267 -21.23 2.26 -5.72
C GLU A 267 -21.63 0.80 -5.82
N ASN A 268 -20.66 -0.12 -5.84
CA ASN A 268 -20.98 -1.52 -6.01
C ASN A 268 -21.77 -2.04 -4.81
N PRO A 269 -22.80 -2.85 -5.04
CA PRO A 269 -23.61 -3.35 -3.92
C PRO A 269 -22.84 -4.21 -2.93
N LEU A 270 -21.66 -4.70 -3.29
CA LEU A 270 -20.86 -5.48 -2.36
C LEU A 270 -20.39 -4.65 -1.17
N ILE A 271 -20.18 -3.35 -1.37
CA ILE A 271 -19.53 -2.50 -0.39
C ILE A 271 -20.57 -1.91 0.55
N LEU A 272 -20.42 -2.19 1.84
CA LEU A 272 -21.37 -1.81 2.86
C LEU A 272 -20.65 -1.01 3.95
N GLU A 273 -21.41 -0.56 4.94
CA GLU A 273 -20.84 0.29 5.99
C GLU A 273 -19.75 -0.43 6.77
N HIS A 274 -20.04 -1.66 7.21
CA HIS A 274 -19.10 -2.37 8.09
C HIS A 274 -17.77 -2.64 7.41
N HIS A 275 -17.70 -2.56 6.07
CA HIS A 275 -16.44 -2.68 5.37
C HIS A 275 -15.56 -1.45 5.50
N HIS A 276 -16.09 -0.34 6.02
CA HIS A 276 -15.32 0.89 6.15
C HIS A 276 -14.53 0.88 7.45
N HIS A 277 -13.76 1.95 7.66
CA HIS A 277 -12.96 2.08 8.87
C HIS A 277 -13.86 2.31 10.08
N HIS A 278 -13.35 1.95 11.26
CA HIS A 278 -14.06 2.18 12.51
C HIS A 278 -13.04 2.43 13.60
N HIS A 279 -13.15 3.56 14.28
CA HIS A 279 -12.21 3.93 15.34
C HIS A 279 -12.30 2.95 16.52
#